data_8IKT
#
_entry.id   8IKT
#
_cell.length_a   82.764
_cell.length_b   82.764
_cell.length_c   103.494
_cell.angle_alpha   90.000
_cell.angle_beta   90.000
_cell.angle_gamma   120.000
#
_symmetry.space_group_name_H-M   'P 32 2 1'
#
loop_
_entity.id
_entity.type
_entity.pdbx_description
1 polymer 'E3 ubiquitin-protein ligase parkin'
2 polymer Ubiquitin
3 polymer 'E3 ubiquitin-protein ligase parkin'
4 non-polymer 'ZINC ION'
5 non-polymer GLYCEROL
6 non-polymer (4S)-2-METHYL-2,4-PENTANEDIOL
7 non-polymer 3-AMINOPROPANE
8 water water
#
loop_
_entity_poly.entity_id
_entity_poly.type
_entity_poly.pdbx_seq_one_letter_code
_entity_poly.pdbx_strand_id
1 'polypeptide(L)'
;SGQEMNATGGDDPRNAAGGCEREPQSLTRVDLSSSVLPGDSVGLAVILHTDSRKDSPPAGSPAGRSIYNSFYVYCKGPCQ
RVQPGKLRVQCSTCRQATLTLTQGPSCWDDVLIPNRMSGECQSPHCPGTSAEFFFKCGAHPTSDKETSVALHLIATNSRN
ITCITCTDVRSPVLVFQCNSRHVICLDCFHLYCVTRLNDRQFVHDPQLGYSLPCVAGCPNSLIKELHHFRILGEEQYNRY
QQYGAEECVLQMGGVLCPRPGCGAGLLPEPDCRKVTCEGGNGLGCGFAFCRECKEAYHEGECSAVFENLYFQ
;
A
2 'polypeptide(L)' MQIFVKTLTGKTITLEVEPSDTIENVKAKIQDKEGIPPDQQRLIFAGKQLEDGRTLSDYNIQKE(SEP)TLHLVLRLRG B
3 'polypeptide(L)' MIVFVRFNSSHGFPVEVDSDTSIFQLKEVVAKRQGVPADQLRVIFAGKELRNDWTVQNCDLDQQ(SEP)IVHIVQRPWRK C
#
# COMPACT_ATOMS: atom_id res chain seq x y z
N LEU A 27 10.52 -17.91 -1.22
CA LEU A 27 10.13 -16.50 -1.49
C LEU A 27 11.34 -15.59 -1.29
N THR A 28 12.18 -15.96 -0.32
CA THR A 28 13.33 -15.16 0.10
C THR A 28 14.40 -15.14 -0.99
N ARG A 29 14.59 -16.27 -1.68
CA ARG A 29 15.65 -16.37 -2.67
C ARG A 29 15.22 -15.80 -4.02
N VAL A 30 13.93 -15.46 -4.16
CA VAL A 30 13.44 -14.86 -5.38
C VAL A 30 14.04 -13.46 -5.51
N ASP A 31 14.45 -13.10 -6.74
CA ASP A 31 15.15 -11.85 -6.98
C ASP A 31 14.41 -11.00 -8.00
N LEU A 32 13.11 -11.24 -8.18
CA LEU A 32 12.32 -10.52 -9.16
C LEU A 32 12.26 -9.02 -8.81
N ASN A 69 19.58 -9.37 -6.36
CA ASN A 69 18.67 -8.25 -6.73
C ASN A 69 17.43 -8.32 -5.84
N SER A 70 17.55 -7.79 -4.62
CA SER A 70 16.46 -7.73 -3.66
C SER A 70 15.38 -6.78 -4.16
N PHE A 71 14.16 -6.93 -3.61
CA PHE A 71 13.07 -6.01 -3.88
C PHE A 71 13.09 -4.92 -2.81
N TYR A 72 12.38 -3.81 -3.08
CA TYR A 72 12.42 -2.66 -2.21
C TYR A 72 11.00 -2.27 -1.80
N VAL A 73 10.85 -1.97 -0.51
CA VAL A 73 9.59 -1.49 0.06
C VAL A 73 9.77 -0.04 0.48
N TYR A 74 8.66 0.63 0.81
CA TYR A 74 8.75 1.82 1.61
C TYR A 74 8.42 1.48 3.06
N CYS A 75 9.42 1.64 3.93
CA CYS A 75 9.23 1.41 5.35
C CYS A 75 8.76 2.70 6.00
N LYS A 76 7.51 2.70 6.48
CA LYS A 76 6.89 3.89 7.04
C LYS A 76 7.42 4.16 8.44
N GLY A 77 7.98 3.13 9.07
CA GLY A 77 8.51 3.24 10.42
C GLY A 77 9.12 1.92 10.87
N PRO A 78 10.31 1.94 11.52
CA PRO A 78 10.99 3.19 11.87
C PRO A 78 11.99 3.74 10.83
N CYS A 79 12.07 3.11 9.66
CA CYS A 79 13.07 3.49 8.67
C CYS A 79 12.68 4.81 7.98
N GLN A 80 11.38 4.94 7.67
CA GLN A 80 10.84 6.10 6.98
C GLN A 80 11.59 6.33 5.67
N ARG A 81 11.97 5.24 4.99
CA ARG A 81 12.66 5.33 3.72
C ARG A 81 12.46 4.05 2.92
N VAL A 82 12.87 4.10 1.66
CA VAL A 82 12.98 2.93 0.78
C VAL A 82 14.03 2.00 1.36
N GLN A 83 13.64 0.73 1.53
CA GLN A 83 14.50 -0.28 2.13
C GLN A 83 14.37 -1.58 1.35
N PRO A 84 15.41 -2.46 1.33
CA PRO A 84 15.27 -3.82 0.84
C PRO A 84 14.13 -4.53 1.58
N GLY A 85 13.22 -5.13 0.81
CA GLY A 85 12.02 -5.75 1.35
C GLY A 85 12.13 -7.28 1.39
N LYS A 86 11.21 -7.89 2.12
CA LYS A 86 11.06 -9.33 2.19
C LYS A 86 9.70 -9.72 1.61
N LEU A 87 9.70 -10.67 0.69
CA LEU A 87 8.46 -11.22 0.16
C LEU A 87 7.99 -12.33 1.10
N ARG A 88 6.74 -12.21 1.56
CA ARG A 88 6.11 -13.22 2.39
C ARG A 88 4.71 -13.49 1.85
N VAL A 89 4.03 -14.47 2.46
CA VAL A 89 2.71 -14.87 1.99
C VAL A 89 1.91 -15.44 3.16
N GLN A 90 0.65 -15.01 3.24
CA GLN A 90 -0.32 -15.57 4.17
C GLN A 90 -1.43 -16.25 3.37
N CYS A 91 -2.43 -16.77 4.09
CA CYS A 91 -3.62 -17.33 3.48
C CYS A 91 -4.69 -16.25 3.42
N SER A 92 -5.26 -16.04 2.22
CA SER A 92 -6.08 -14.89 1.93
C SER A 92 -7.43 -14.95 2.66
N THR A 93 -7.64 -16.04 3.42
CA THR A 93 -8.94 -16.28 4.02
C THR A 93 -8.88 -16.06 5.54
N CYS A 94 -7.87 -16.61 6.21
CA CYS A 94 -7.77 -16.46 7.66
C CYS A 94 -6.65 -15.49 8.03
N ARG A 95 -5.94 -14.98 7.02
CA ARG A 95 -4.89 -13.98 7.21
C ARG A 95 -3.81 -14.51 8.17
N GLN A 96 -3.41 -15.77 7.98
CA GLN A 96 -2.33 -16.35 8.75
C GLN A 96 -1.29 -16.92 7.79
N ALA A 97 -0.01 -16.75 8.15
CA ALA A 97 1.11 -17.16 7.31
C ALA A 97 1.33 -18.67 7.43
N THR A 98 0.28 -19.43 7.14
CA THR A 98 0.31 -20.89 7.25
C THR A 98 0.21 -21.52 5.85
N LEU A 99 -0.26 -20.73 4.87
CA LEU A 99 -0.43 -21.24 3.52
C LEU A 99 0.93 -21.60 2.91
N THR A 100 0.98 -22.78 2.29
CA THR A 100 2.14 -23.22 1.53
C THR A 100 1.81 -23.11 0.04
N LEU A 101 2.71 -22.47 -0.71
CA LEU A 101 2.50 -22.20 -2.13
C LEU A 101 2.62 -23.49 -2.93
N THR A 102 1.69 -23.66 -3.89
CA THR A 102 1.74 -24.76 -4.84
C THR A 102 3.03 -24.62 -5.65
N GLN A 103 3.14 -23.53 -6.40
CA GLN A 103 4.37 -23.14 -7.07
C GLN A 103 4.77 -21.75 -6.59
N GLY A 104 6.05 -21.41 -6.75
CA GLY A 104 6.57 -20.10 -6.38
C GLY A 104 6.23 -19.03 -7.42
N PRO A 105 6.20 -17.74 -7.03
CA PRO A 105 5.94 -16.65 -7.98
C PRO A 105 7.13 -16.47 -8.93
N SER A 106 6.84 -16.18 -10.19
CA SER A 106 7.88 -16.01 -11.20
C SER A 106 7.96 -14.56 -11.68
N CYS A 107 6.86 -13.82 -11.52
CA CYS A 107 6.80 -12.42 -11.93
C CYS A 107 6.14 -11.58 -10.84
N TRP A 108 6.13 -10.26 -11.05
CA TRP A 108 5.53 -9.32 -10.13
C TRP A 108 4.02 -9.52 -10.07
N ASP A 109 3.43 -9.86 -11.21
CA ASP A 109 1.99 -10.04 -11.33
C ASP A 109 1.51 -11.15 -10.38
N ASP A 110 2.38 -12.13 -10.15
CA ASP A 110 2.06 -13.28 -9.31
C ASP A 110 1.87 -12.85 -7.85
N VAL A 111 2.58 -11.79 -7.45
CA VAL A 111 2.60 -11.35 -6.06
C VAL A 111 1.73 -10.11 -5.88
N LEU A 112 1.48 -9.38 -6.98
CA LEU A 112 0.79 -8.10 -6.90
C LEU A 112 -0.71 -8.29 -7.17
N ILE A 113 -1.05 -9.10 -8.17
CA ILE A 113 -2.44 -9.37 -8.51
C ILE A 113 -3.05 -10.25 -7.42
N PRO A 114 -4.20 -9.85 -6.84
CA PRO A 114 -4.84 -10.63 -5.78
C PRO A 114 -5.23 -12.02 -6.28
N ASN A 115 -4.93 -13.03 -5.46
CA ASN A 115 -5.47 -14.37 -5.61
C ASN A 115 -4.84 -15.09 -6.80
N ARG A 116 -3.79 -14.50 -7.38
CA ARG A 116 -3.18 -15.00 -8.62
C ARG A 116 -2.57 -16.38 -8.38
N MET A 117 -1.97 -16.57 -7.21
CA MET A 117 -1.33 -17.84 -6.90
C MET A 117 -2.12 -18.59 -5.83
N SER A 118 -1.94 -19.91 -5.82
CA SER A 118 -2.73 -20.79 -4.97
CA SER A 118 -2.73 -20.81 -4.99
C SER A 118 -1.83 -21.67 -4.12
N GLY A 119 -2.43 -22.28 -3.09
CA GLY A 119 -1.78 -23.18 -2.17
C GLY A 119 -2.79 -23.88 -1.28
N GLU A 120 -2.34 -24.27 -0.09
CA GLU A 120 -3.20 -24.91 0.90
C GLU A 120 -2.85 -24.35 2.28
N CYS A 121 -3.82 -23.65 2.88
CA CYS A 121 -3.65 -23.14 4.23
C CYS A 121 -3.58 -24.33 5.20
N GLN A 122 -2.49 -24.36 5.98
CA GLN A 122 -2.19 -25.49 6.84
C GLN A 122 -2.84 -25.30 8.21
N SER A 123 -3.71 -24.29 8.32
CA SER A 123 -4.52 -24.08 9.51
C SER A 123 -5.60 -25.15 9.56
N PRO A 124 -5.84 -25.79 10.73
CA PRO A 124 -6.71 -26.97 10.82
C PRO A 124 -8.13 -26.79 10.30
N HIS A 125 -8.72 -25.62 10.52
CA HIS A 125 -10.13 -25.40 10.21
C HIS A 125 -10.28 -24.40 9.07
N CYS A 126 -9.25 -24.29 8.22
CA CYS A 126 -9.22 -23.28 7.17
C CYS A 126 -9.16 -23.96 5.80
N PRO A 127 -10.18 -23.73 4.92
CA PRO A 127 -10.14 -24.21 3.55
C PRO A 127 -9.56 -23.20 2.57
N GLY A 128 -8.69 -22.31 3.09
CA GLY A 128 -8.02 -21.31 2.27
C GLY A 128 -7.12 -21.96 1.22
N THR A 129 -7.26 -21.48 -0.02
CA THR A 129 -6.48 -21.99 -1.14
C THR A 129 -5.68 -20.85 -1.77
N SER A 130 -6.21 -19.62 -1.65
CA SER A 130 -5.65 -18.46 -2.32
C SER A 130 -4.56 -17.81 -1.47
N ALA A 131 -3.47 -17.44 -2.14
CA ALA A 131 -2.30 -16.85 -1.50
C ALA A 131 -2.39 -15.32 -1.53
N GLU A 132 -2.16 -14.71 -0.36
CA GLU A 132 -2.06 -13.27 -0.25
C GLU A 132 -0.60 -12.92 0.09
N PHE A 133 0.11 -12.38 -0.91
CA PHE A 133 1.48 -11.96 -0.70
C PHE A 133 1.52 -10.59 -0.03
N PHE A 134 2.46 -10.44 0.90
CA PHE A 134 2.73 -9.16 1.53
C PHE A 134 4.24 -8.96 1.60
N PHE A 135 4.66 -7.72 1.85
CA PHE A 135 6.07 -7.39 1.94
C PHE A 135 6.35 -6.81 3.31
N LYS A 136 7.57 -7.05 3.80
CA LYS A 136 8.01 -6.45 5.05
C LYS A 136 9.36 -5.78 4.79
N CYS A 137 9.64 -4.74 5.59
CA CYS A 137 10.95 -4.11 5.60
C CYS A 137 11.98 -5.14 6.07
N GLY A 138 13.12 -5.18 5.37
CA GLY A 138 14.16 -6.14 5.68
C GLY A 138 15.30 -5.53 6.48
N ALA A 139 15.10 -4.30 6.96
CA ALA A 139 16.16 -3.54 7.61
C ALA A 139 16.19 -3.83 9.11
N HIS A 140 15.15 -4.48 9.62
CA HIS A 140 15.00 -4.78 11.03
C HIS A 140 13.94 -5.86 11.22
N PRO A 141 13.87 -6.53 12.39
CA PRO A 141 12.80 -7.48 12.66
C PRO A 141 11.44 -6.80 12.53
N THR A 142 10.51 -7.50 11.86
CA THR A 142 9.17 -7.01 11.65
C THR A 142 8.20 -8.06 12.16
N SER A 143 7.11 -7.60 12.81
CA SER A 143 6.05 -8.50 13.23
C SER A 143 5.39 -9.14 12.01
N ASP A 144 4.38 -9.96 12.26
CA ASP A 144 3.74 -10.73 11.20
C ASP A 144 2.84 -9.83 10.36
N LYS A 145 2.37 -8.73 10.96
CA LYS A 145 1.42 -7.83 10.31
C LYS A 145 2.08 -6.48 10.00
N GLU A 146 3.34 -6.33 10.40
CA GLU A 146 4.09 -5.10 10.15
C GLU A 146 4.57 -5.10 8.70
N THR A 147 3.64 -4.76 7.80
CA THR A 147 3.88 -4.85 6.37
C THR A 147 4.33 -3.49 5.82
N SER A 148 4.78 -3.49 4.57
CA SER A 148 5.18 -2.29 3.84
C SER A 148 4.83 -2.46 2.38
N VAL A 149 4.54 -1.34 1.70
CA VAL A 149 4.16 -1.39 0.30
C VAL A 149 5.39 -1.69 -0.55
N ALA A 150 5.22 -2.57 -1.54
CA ALA A 150 6.28 -2.90 -2.48
C ALA A 150 6.41 -1.80 -3.51
N LEU A 151 7.65 -1.32 -3.70
CA LEU A 151 7.95 -0.35 -4.73
C LEU A 151 8.62 -1.08 -5.89
N HIS A 152 7.79 -1.77 -6.68
CA HIS A 152 8.24 -2.81 -7.60
C HIS A 152 9.02 -2.23 -8.77
N LEU A 153 8.99 -0.90 -8.92
CA LEU A 153 9.75 -0.25 -9.97
C LEU A 153 11.20 -0.06 -9.51
N ILE A 154 11.46 -0.29 -8.22
CA ILE A 154 12.78 -0.10 -7.67
C ILE A 154 13.55 -1.42 -7.67
N ALA A 155 14.78 -1.36 -8.23
CA ALA A 155 15.62 -2.52 -8.41
C ALA A 155 17.06 -2.18 -8.06
N THR A 156 17.77 -3.16 -7.48
CA THR A 156 19.20 -3.06 -7.25
C THR A 156 19.89 -2.86 -8.60
N ASN A 157 20.75 -1.84 -8.67
CA ASN A 157 21.47 -1.51 -9.90
C ASN A 157 22.73 -2.39 -9.97
N SER A 158 22.50 -3.70 -10.16
CA SER A 158 23.55 -4.70 -10.13
CA SER A 158 23.54 -4.70 -10.13
C SER A 158 24.46 -4.56 -11.36
N ARG A 159 23.87 -4.13 -12.47
CA ARG A 159 24.57 -4.04 -13.75
C ARG A 159 25.06 -2.62 -14.03
N ASN A 160 24.96 -1.74 -13.02
CA ASN A 160 25.57 -0.42 -13.06
C ASN A 160 25.01 0.42 -14.20
N ILE A 161 23.70 0.28 -14.46
CA ILE A 161 23.03 1.12 -15.46
C ILE A 161 23.11 2.57 -14.98
N THR A 162 23.49 3.47 -15.90
CA THR A 162 23.61 4.88 -15.57
C THR A 162 22.24 5.55 -15.57
N CYS A 163 22.04 6.44 -14.60
CA CYS A 163 20.82 7.18 -14.38
C CYS A 163 20.50 8.02 -15.62
N ILE A 164 19.29 7.84 -16.16
CA ILE A 164 18.88 8.46 -17.41
C ILE A 164 19.03 9.98 -17.34
N THR A 165 19.04 10.53 -16.10
CA THR A 165 19.03 11.97 -15.93
C THR A 165 20.42 12.51 -15.56
N CYS A 166 21.05 11.94 -14.51
CA CYS A 166 22.29 12.50 -14.00
C CYS A 166 23.51 11.69 -14.46
N THR A 167 23.24 10.54 -15.12
CA THR A 167 24.22 9.67 -15.75
C THR A 167 25.12 8.95 -14.73
N ASP A 168 24.89 9.21 -13.44
CA ASP A 168 25.70 8.57 -12.42
C ASP A 168 25.20 7.13 -12.20
N VAL A 169 26.09 6.30 -11.64
CA VAL A 169 25.73 4.97 -11.21
C VAL A 169 25.43 5.01 -9.71
N ARG A 170 24.17 4.73 -9.37
CA ARG A 170 23.75 4.62 -7.99
C ARG A 170 22.87 3.38 -7.84
N SER A 171 22.64 2.98 -6.58
CA SER A 171 21.76 1.88 -6.27
C SER A 171 20.94 2.23 -5.03
N PRO A 172 19.64 1.86 -4.98
CA PRO A 172 18.95 1.23 -6.11
C PRO A 172 18.54 2.29 -7.13
N VAL A 173 17.69 1.86 -8.07
CA VAL A 173 17.19 2.74 -9.12
C VAL A 173 15.71 2.41 -9.36
N LEU A 174 14.99 3.37 -9.97
CA LEU A 174 13.63 3.14 -10.41
C LEU A 174 13.65 2.86 -11.91
N VAL A 175 12.96 1.78 -12.30
CA VAL A 175 12.85 1.38 -13.69
C VAL A 175 11.46 1.78 -14.19
N PHE A 176 11.43 2.78 -15.07
CA PHE A 176 10.20 3.21 -15.70
C PHE A 176 9.68 2.11 -16.61
N GLN A 177 8.36 1.93 -16.63
CA GLN A 177 7.73 0.87 -17.40
C GLN A 177 7.39 1.37 -18.81
N CYS A 178 8.25 2.26 -19.33
CA CYS A 178 8.21 2.64 -20.74
C CYS A 178 8.92 1.56 -21.55
N ASN A 179 8.82 1.66 -22.88
CA ASN A 179 9.38 0.68 -23.79
C ASN A 179 10.90 0.60 -23.62
N SER A 180 11.51 1.73 -23.24
CA SER A 180 12.96 1.82 -23.14
C SER A 180 13.45 1.39 -21.76
N ARG A 181 12.50 1.10 -20.86
CA ARG A 181 12.80 0.77 -19.47
C ARG A 181 13.84 1.73 -18.93
N HIS A 182 13.55 3.04 -19.00
CA HIS A 182 14.47 4.06 -18.57
C HIS A 182 14.71 3.96 -17.07
N VAL A 183 15.99 4.04 -16.69
CA VAL A 183 16.43 3.82 -15.33
C VAL A 183 16.81 5.16 -14.72
N ILE A 184 16.24 5.46 -13.54
CA ILE A 184 16.51 6.69 -12.84
C ILE A 184 16.97 6.36 -11.42
N CYS A 185 18.02 7.04 -10.96
CA CYS A 185 18.47 6.92 -9.58
C CYS A 185 17.43 7.57 -8.68
N LEU A 186 17.47 7.22 -7.39
CA LEU A 186 16.44 7.64 -6.45
C LEU A 186 16.57 9.13 -6.13
N ASP A 187 17.82 9.64 -6.17
CA ASP A 187 18.10 11.05 -5.97
C ASP A 187 17.35 11.88 -7.01
N CYS A 188 17.55 11.53 -8.28
CA CYS A 188 16.92 12.23 -9.39
C CYS A 188 15.41 12.04 -9.35
N PHE A 189 14.95 10.82 -8.99
CA PHE A 189 13.52 10.55 -8.94
C PHE A 189 12.87 11.46 -7.90
N HIS A 190 13.55 11.64 -6.77
CA HIS A 190 13.07 12.51 -5.70
C HIS A 190 12.87 13.93 -6.22
N LEU A 191 13.90 14.45 -6.90
CA LEU A 191 13.88 15.81 -7.42
C LEU A 191 12.87 15.91 -8.56
N TYR A 192 12.86 14.91 -9.45
CA TYR A 192 11.89 14.83 -10.52
C TYR A 192 10.48 14.95 -9.95
N CYS A 193 10.25 14.30 -8.81
CA CYS A 193 8.94 14.29 -8.16
C CYS A 193 8.66 15.63 -7.50
N VAL A 194 9.63 16.13 -6.73
CA VAL A 194 9.49 17.37 -5.96
C VAL A 194 9.17 18.52 -6.91
N THR A 195 9.96 18.63 -7.98
CA THR A 195 9.86 19.76 -8.91
C THR A 195 8.55 19.68 -9.69
N ARG A 196 8.18 18.47 -10.14
CA ARG A 196 6.95 18.29 -10.91
C ARG A 196 5.74 18.54 -10.01
N LEU A 197 5.86 18.18 -8.73
CA LEU A 197 4.77 18.40 -7.78
C LEU A 197 4.52 19.89 -7.63
N ASN A 198 5.59 20.63 -7.30
CA ASN A 198 5.50 22.04 -6.97
C ASN A 198 4.94 22.83 -8.15
N ASP A 199 5.17 22.34 -9.37
CA ASP A 199 4.82 23.06 -10.58
C ASP A 199 3.48 22.55 -11.14
N ARG A 200 2.81 21.68 -10.36
CA ARG A 200 1.54 21.08 -10.75
C ARG A 200 1.70 20.35 -12.08
N GLN A 201 2.78 19.59 -12.21
CA GLN A 201 3.12 18.93 -13.46
C GLN A 201 2.84 17.43 -13.38
N PHE A 202 2.33 16.99 -12.22
CA PHE A 202 1.84 15.62 -12.09
C PHE A 202 0.61 15.46 -12.98
N VAL A 203 0.56 14.32 -13.68
CA VAL A 203 -0.51 14.01 -14.61
C VAL A 203 -1.61 13.29 -13.84
N HIS A 204 -2.86 13.73 -14.07
CA HIS A 204 -4.00 12.98 -13.57
C HIS A 204 -4.47 11.99 -14.63
N ASP A 205 -4.57 10.73 -14.25
CA ASP A 205 -5.20 9.72 -15.08
C ASP A 205 -6.40 9.15 -14.34
N PRO A 206 -7.62 9.19 -14.95
CA PRO A 206 -8.83 8.65 -14.33
C PRO A 206 -8.73 7.19 -13.88
N GLN A 207 -7.86 6.42 -14.54
CA GLN A 207 -7.69 5.01 -14.21
C GLN A 207 -6.65 4.84 -13.11
N LEU A 208 -5.53 5.56 -13.22
CA LEU A 208 -4.37 5.34 -12.38
C LEU A 208 -4.38 6.29 -11.19
N GLY A 209 -4.68 7.57 -11.45
CA GLY A 209 -4.65 8.61 -10.44
C GLY A 209 -3.64 9.69 -10.78
N TYR A 210 -2.97 10.22 -9.74
CA TYR A 210 -2.04 11.33 -9.86
C TYR A 210 -0.63 10.78 -9.90
N SER A 211 -0.01 10.81 -11.09
CA SER A 211 1.25 10.10 -11.29
C SER A 211 2.22 10.93 -12.12
N LEU A 212 3.36 10.31 -12.45
CA LEU A 212 4.35 10.86 -13.36
C LEU A 212 4.74 9.79 -14.38
N PRO A 213 5.00 10.17 -15.65
CA PRO A 213 5.49 9.23 -16.65
C PRO A 213 7.01 9.11 -16.51
N CYS A 214 7.61 8.34 -17.41
CA CYS A 214 9.06 8.31 -17.57
C CYS A 214 9.57 9.75 -17.68
N VAL A 215 10.71 10.00 -17.03
CA VAL A 215 11.33 11.32 -17.00
C VAL A 215 11.71 11.73 -18.43
N ALA A 216 11.83 10.74 -19.31
CA ALA A 216 12.14 10.99 -20.71
C ALA A 216 10.89 11.39 -21.48
N GLY A 217 9.72 11.18 -20.86
CA GLY A 217 8.44 11.51 -21.46
C GLY A 217 8.01 10.46 -22.49
N CYS A 218 8.27 9.19 -22.17
CA CYS A 218 7.88 8.08 -23.02
C CYS A 218 6.39 7.83 -22.85
N PRO A 219 5.65 7.52 -23.94
CA PRO A 219 4.21 7.21 -23.84
C PRO A 219 3.93 5.99 -22.97
N ASN A 220 2.72 5.96 -22.39
CA ASN A 220 2.22 4.83 -21.61
C ASN A 220 3.24 4.43 -20.55
N SER A 221 3.70 5.41 -19.77
CA SER A 221 4.78 5.19 -18.82
C SER A 221 4.45 5.79 -17.45
N LEU A 222 3.17 6.10 -17.23
CA LEU A 222 2.74 6.62 -15.94
C LEU A 222 2.95 5.54 -14.87
N ILE A 223 3.60 5.94 -13.77
CA ILE A 223 3.78 5.07 -12.62
C ILE A 223 2.41 4.66 -12.11
N LYS A 224 2.21 3.34 -11.97
CA LYS A 224 0.92 2.81 -11.61
C LYS A 224 0.83 2.62 -10.09
N GLU A 225 1.94 2.18 -9.48
CA GLU A 225 2.00 2.05 -8.03
C GLU A 225 2.39 3.40 -7.44
N LEU A 226 1.38 4.13 -6.95
CA LEU A 226 1.55 5.53 -6.61
C LEU A 226 2.26 5.69 -5.27
N HIS A 227 2.53 4.56 -4.59
CA HIS A 227 3.30 4.58 -3.36
C HIS A 227 4.78 4.85 -3.67
N HIS A 228 5.14 4.83 -4.96
CA HIS A 228 6.48 5.18 -5.38
C HIS A 228 6.78 6.63 -5.01
N PHE A 229 5.72 7.44 -4.94
CA PHE A 229 5.84 8.85 -4.60
C PHE A 229 6.05 9.02 -3.11
N ARG A 230 6.22 7.90 -2.40
CA ARG A 230 6.70 7.90 -1.03
C ARG A 230 8.13 8.45 -1.00
N ILE A 231 8.76 8.49 -2.18
CA ILE A 231 10.13 8.96 -2.27
CA ILE A 231 10.12 8.98 -2.37
C ILE A 231 10.15 10.47 -2.03
N LEU A 232 8.96 11.09 -2.03
CA LEU A 232 8.79 12.52 -1.82
C LEU A 232 9.11 12.92 -0.38
N GLY A 233 9.24 11.94 0.51
CA GLY A 233 9.24 12.22 1.94
C GLY A 233 7.83 12.50 2.43
N GLU A 234 7.66 12.57 3.75
CA GLU A 234 6.35 12.55 4.38
C GLU A 234 5.53 13.78 4.01
N GLU A 235 6.10 14.98 4.23
CA GLU A 235 5.37 16.23 4.08
C GLU A 235 4.94 16.44 2.64
N GLN A 236 5.89 16.20 1.71
CA GLN A 236 5.64 16.40 0.28
C GLN A 236 4.70 15.32 -0.23
N TYR A 237 4.75 14.13 0.39
CA TYR A 237 3.88 13.03 0.03
C TYR A 237 2.42 13.40 0.31
N ASN A 238 2.18 13.98 1.49
CA ASN A 238 0.86 14.41 1.89
C ASN A 238 0.39 15.54 0.98
N ARG A 239 1.32 16.43 0.60
CA ARG A 239 1.04 17.50 -0.33
C ARG A 239 0.64 16.90 -1.68
N TYR A 240 1.39 15.88 -2.11
CA TYR A 240 1.11 15.14 -3.33
C TYR A 240 -0.31 14.59 -3.29
N GLN A 241 -0.66 13.93 -2.19
CA GLN A 241 -1.96 13.30 -2.01
CA GLN A 241 -1.96 13.29 -2.04
C GLN A 241 -3.05 14.35 -2.07
N GLN A 242 -2.76 15.51 -1.46
CA GLN A 242 -3.67 16.64 -1.41
C GLN A 242 -3.92 17.17 -2.83
N TYR A 243 -2.83 17.43 -3.56
CA TYR A 243 -2.89 17.97 -4.91
C TYR A 243 -3.63 17.00 -5.82
N GLY A 244 -3.30 15.72 -5.69
CA GLY A 244 -3.90 14.66 -6.49
C GLY A 244 -5.41 14.61 -6.32
N ALA A 245 -5.85 14.70 -5.07
CA ALA A 245 -7.27 14.71 -4.74
C ALA A 245 -7.94 15.95 -5.34
N GLU A 246 -7.26 17.10 -5.25
CA GLU A 246 -7.76 18.34 -5.83
C GLU A 246 -7.92 18.16 -7.34
N GLU A 247 -6.87 17.61 -7.96
CA GLU A 247 -6.85 17.40 -9.40
C GLU A 247 -7.98 16.44 -9.78
N CYS A 248 -8.16 15.39 -8.99
CA CYS A 248 -9.20 14.39 -9.23
C CYS A 248 -10.56 15.08 -9.28
N VAL A 249 -10.86 15.88 -8.25
CA VAL A 249 -12.09 16.64 -8.17
C VAL A 249 -12.29 17.41 -9.48
N LEU A 250 -11.24 18.11 -9.92
CA LEU A 250 -11.32 18.97 -11.08
C LEU A 250 -11.48 18.14 -12.35
N GLN A 251 -10.97 16.91 -12.33
CA GLN A 251 -11.03 16.03 -13.49
C GLN A 251 -12.44 15.44 -13.63
N MET A 252 -13.11 15.22 -12.48
CA MET A 252 -14.46 14.68 -12.47
C MET A 252 -15.46 15.82 -12.69
N GLY A 253 -14.96 16.98 -13.12
CA GLY A 253 -15.77 18.15 -13.42
C GLY A 253 -16.37 18.76 -12.15
N GLY A 254 -15.66 18.60 -11.03
CA GLY A 254 -16.06 19.19 -9.76
C GLY A 254 -15.40 20.55 -9.55
N VAL A 255 -15.60 21.11 -8.35
CA VAL A 255 -15.10 22.43 -8.01
CA VAL A 255 -15.09 22.42 -8.01
C VAL A 255 -14.49 22.40 -6.61
N LEU A 256 -13.44 23.19 -6.41
CA LEU A 256 -12.86 23.41 -5.10
C LEU A 256 -13.46 24.68 -4.53
N CYS A 257 -14.02 24.58 -3.31
CA CYS A 257 -14.68 25.67 -2.63
C CYS A 257 -13.72 26.85 -2.52
N PRO A 258 -14.12 28.07 -2.98
CA PRO A 258 -13.21 29.21 -3.05
C PRO A 258 -13.09 30.03 -1.78
N ARG A 259 -13.91 29.72 -0.77
CA ARG A 259 -13.84 30.41 0.51
C ARG A 259 -12.47 30.18 1.12
N PRO A 260 -11.77 31.25 1.58
CA PRO A 260 -10.43 31.11 2.16
C PRO A 260 -10.47 30.22 3.41
N GLY A 261 -9.48 29.33 3.52
CA GLY A 261 -9.41 28.40 4.64
C GLY A 261 -10.38 27.24 4.48
N CYS A 262 -10.92 27.07 3.28
CA CYS A 262 -11.78 25.94 2.97
C CYS A 262 -11.13 25.07 1.90
N GLY A 263 -11.64 25.17 0.66
CA GLY A 263 -11.07 24.46 -0.47
C GLY A 263 -11.63 23.05 -0.62
N ALA A 264 -12.78 22.80 0.02
CA ALA A 264 -13.44 21.50 0.03
C ALA A 264 -13.74 21.07 -1.40
N GLY A 265 -13.44 19.80 -1.71
CA GLY A 265 -13.76 19.20 -2.99
C GLY A 265 -15.26 18.94 -3.11
N LEU A 266 -15.87 19.53 -4.14
CA LEU A 266 -17.30 19.49 -4.33
C LEU A 266 -17.61 18.95 -5.72
N LEU A 267 -18.58 18.02 -5.77
CA LEU A 267 -19.03 17.43 -7.02
C LEU A 267 -20.52 17.73 -7.20
N PRO A 268 -20.87 18.91 -7.77
CA PRO A 268 -22.27 19.28 -7.98
C PRO A 268 -22.76 18.70 -9.31
N GLU A 269 -24.09 18.81 -9.52
CA GLU A 269 -24.69 18.46 -10.80
C GLU A 269 -23.98 19.23 -11.90
N PRO A 270 -23.67 18.59 -13.05
CA PRO A 270 -22.93 19.25 -14.13
C PRO A 270 -23.64 20.52 -14.63
N ASP A 271 -24.95 20.58 -14.43
CA ASP A 271 -25.78 21.66 -14.92
C ASP A 271 -25.81 22.81 -13.92
N CYS A 272 -25.61 22.48 -12.64
CA CYS A 272 -25.82 23.42 -11.55
C CYS A 272 -24.76 24.52 -11.58
N ARG A 273 -25.22 25.76 -11.38
CA ARG A 273 -24.34 26.91 -11.26
C ARG A 273 -24.17 27.25 -9.78
N LYS A 274 -25.25 27.04 -9.01
CA LYS A 274 -25.22 27.22 -7.58
C LYS A 274 -24.51 26.04 -6.93
N VAL A 275 -23.42 26.33 -6.22
CA VAL A 275 -22.70 25.31 -5.48
C VAL A 275 -22.63 25.74 -4.02
N THR A 276 -23.21 24.93 -3.14
CA THR A 276 -23.17 25.18 -1.71
C THR A 276 -22.21 24.19 -1.05
N CYS A 277 -21.21 24.74 -0.37
CA CYS A 277 -20.25 23.97 0.40
C CYS A 277 -20.93 23.50 1.69
N GLU A 278 -21.86 22.56 1.55
CA GLU A 278 -22.66 22.06 2.65
C GLU A 278 -21.82 21.10 3.49
N ASN A 281 -22.62 17.82 6.99
CA ASN A 281 -22.82 18.18 8.42
C ASN A 281 -21.46 18.31 9.11
N GLY A 282 -20.80 19.45 8.86
CA GLY A 282 -19.53 19.78 9.49
C GLY A 282 -18.36 19.74 8.52
N LEU A 283 -18.64 19.37 7.26
CA LEU A 283 -17.61 19.14 6.26
C LEU A 283 -17.34 20.44 5.51
N GLY A 284 -18.41 21.05 4.98
CA GLY A 284 -18.31 22.30 4.24
C GLY A 284 -18.34 23.51 5.17
N CYS A 285 -18.12 24.69 4.58
CA CYS A 285 -18.06 25.94 5.32
C CYS A 285 -19.37 26.71 5.17
N GLY A 286 -20.27 26.19 4.35
CA GLY A 286 -21.61 26.73 4.18
C GLY A 286 -21.69 27.83 3.12
N PHE A 287 -20.55 28.10 2.47
CA PHE A 287 -20.50 29.14 1.44
C PHE A 287 -21.26 28.69 0.20
N ALA A 288 -22.28 29.46 -0.16
CA ALA A 288 -23.03 29.26 -1.40
C ALA A 288 -22.46 30.18 -2.47
N PHE A 289 -21.83 29.58 -3.49
CA PHE A 289 -21.10 30.34 -4.49
C PHE A 289 -21.56 29.96 -5.89
N CYS A 290 -21.22 30.84 -6.85
CA CYS A 290 -21.46 30.61 -8.26
C CYS A 290 -20.27 29.88 -8.86
N ARG A 291 -20.56 28.76 -9.53
CA ARG A 291 -19.58 27.84 -10.08
C ARG A 291 -18.61 28.57 -11.01
N GLU A 292 -19.13 29.58 -11.72
CA GLU A 292 -18.42 30.18 -12.84
C GLU A 292 -17.45 31.26 -12.36
N CYS A 293 -17.93 32.22 -11.55
CA CYS A 293 -17.11 33.35 -11.14
C CYS A 293 -16.53 33.14 -9.75
N LYS A 294 -17.09 32.16 -9.02
CA LYS A 294 -16.60 31.71 -7.72
C LYS A 294 -16.83 32.78 -6.65
N GLU A 295 -17.78 33.68 -6.91
CA GLU A 295 -18.22 34.65 -5.92
C GLU A 295 -19.53 34.17 -5.32
N ALA A 296 -19.95 34.83 -4.23
CA ALA A 296 -21.22 34.54 -3.58
C ALA A 296 -22.30 34.35 -4.64
N TYR A 297 -23.17 33.35 -4.42
CA TYR A 297 -24.13 32.98 -5.45
C TYR A 297 -25.01 34.17 -5.79
N HIS A 298 -25.14 34.42 -7.10
CA HIS A 298 -25.87 35.55 -7.65
C HIS A 298 -26.80 35.04 -8.75
N GLU A 299 -27.88 35.78 -8.99
CA GLU A 299 -28.75 35.53 -10.13
C GLU A 299 -28.14 36.16 -11.37
N GLY A 300 -28.53 35.62 -12.54
CA GLY A 300 -28.15 36.19 -13.82
C GLY A 300 -26.68 36.00 -14.15
N GLU A 301 -26.17 36.87 -15.03
CA GLU A 301 -24.82 36.79 -15.56
C GLU A 301 -23.82 37.20 -14.48
N CYS A 302 -22.56 36.77 -14.66
CA CYS A 302 -21.49 37.05 -13.73
C CYS A 302 -21.01 38.49 -13.90
N SER A 303 -20.29 39.00 -12.88
CA SER A 303 -19.80 40.36 -12.81
C SER A 303 -20.96 41.36 -12.91
N MET B 1 -6.83 -1.79 11.54
CA MET B 1 -5.77 -0.75 11.43
C MET B 1 -6.39 0.64 11.34
N GLN B 2 -5.57 1.65 11.66
CA GLN B 2 -5.98 3.04 11.70
C GLN B 2 -5.71 3.67 10.34
N ILE B 3 -6.75 4.23 9.71
CA ILE B 3 -6.55 5.09 8.56
C ILE B 3 -7.23 6.44 8.82
N PHE B 4 -6.88 7.42 8.00
CA PHE B 4 -7.40 8.77 8.12
C PHE B 4 -8.15 9.15 6.84
N VAL B 5 -9.31 9.78 7.03
CA VAL B 5 -10.03 10.37 5.91
C VAL B 5 -10.02 11.89 6.09
N LYS B 6 -9.53 12.59 5.07
CA LYS B 6 -9.40 14.03 5.11
C LYS B 6 -10.17 14.66 3.96
N THR B 7 -10.99 15.66 4.29
CA THR B 7 -11.55 16.56 3.29
C THR B 7 -10.42 17.44 2.78
N LEU B 8 -10.64 18.11 1.65
CA LEU B 8 -9.61 18.93 1.03
C LEU B 8 -9.39 20.20 1.86
N THR B 9 -10.19 20.37 2.93
CA THR B 9 -9.99 21.45 3.89
C THR B 9 -9.02 21.00 4.98
N GLY B 10 -8.64 19.72 4.93
CA GLY B 10 -7.75 19.13 5.92
C GLY B 10 -8.51 18.63 7.15
N LYS B 11 -9.85 18.68 7.10
CA LYS B 11 -10.65 18.11 8.16
C LYS B 11 -10.41 16.60 8.18
N THR B 12 -10.03 16.09 9.36
CA THR B 12 -9.50 14.75 9.48
C THR B 12 -10.42 13.90 10.35
N ILE B 13 -10.74 12.69 9.85
CA ILE B 13 -11.47 11.68 10.59
CA ILE B 13 -11.44 11.69 10.64
C ILE B 13 -10.62 10.41 10.63
N THR B 14 -10.58 9.76 11.80
CA THR B 14 -9.85 8.52 11.98
C THR B 14 -10.81 7.35 11.85
N LEU B 15 -10.38 6.30 11.14
CA LEU B 15 -11.18 5.11 10.96
C LEU B 15 -10.40 3.89 11.43
N GLU B 16 -11.10 3.02 12.16
CA GLU B 16 -10.60 1.67 12.43
C GLU B 16 -11.08 0.75 11.32
N VAL B 17 -10.14 0.24 10.54
CA VAL B 17 -10.45 -0.57 9.37
C VAL B 17 -9.56 -1.80 9.35
N GLU B 18 -9.88 -2.73 8.45
CA GLU B 18 -8.99 -3.82 8.08
C GLU B 18 -8.61 -3.64 6.62
N PRO B 19 -7.40 -4.07 6.19
CA PRO B 19 -7.00 -3.93 4.78
C PRO B 19 -8.00 -4.59 3.84
N SER B 20 -8.88 -5.41 4.42
CA SER B 20 -9.84 -6.22 3.69
C SER B 20 -11.20 -5.51 3.58
N ASP B 21 -11.36 -4.41 4.32
CA ASP B 21 -12.60 -3.63 4.29
C ASP B 21 -12.78 -3.02 2.91
N THR B 22 -14.02 -3.04 2.42
CA THR B 22 -14.35 -2.45 1.13
C THR B 22 -14.48 -0.94 1.27
N ILE B 23 -14.37 -0.24 0.14
CA ILE B 23 -14.53 1.20 0.08
C ILE B 23 -15.93 1.55 0.57
N GLU B 24 -16.91 0.69 0.27
CA GLU B 24 -18.28 0.84 0.72
C GLU B 24 -18.36 0.74 2.24
N ASN B 25 -17.50 -0.12 2.82
CA ASN B 25 -17.38 -0.27 4.27
C ASN B 25 -16.82 1.01 4.87
N VAL B 26 -15.77 1.55 4.24
CA VAL B 26 -15.09 2.76 4.68
C VAL B 26 -16.12 3.88 4.77
N LYS B 27 -16.96 3.98 3.73
CA LYS B 27 -17.96 5.02 3.59
C LYS B 27 -19.01 4.90 4.69
N ALA B 28 -19.41 3.66 5.00
CA ALA B 28 -20.37 3.38 6.05
C ALA B 28 -19.80 3.84 7.39
N LYS B 29 -18.49 3.63 7.57
CA LYS B 29 -17.78 4.03 8.78
C LYS B 29 -17.73 5.55 8.86
N ILE B 30 -17.45 6.19 7.72
CA ILE B 30 -17.42 7.64 7.61
C ILE B 30 -18.78 8.19 7.99
N GLN B 31 -19.84 7.56 7.46
CA GLN B 31 -21.21 7.91 7.81
C GLN B 31 -21.43 7.75 9.31
N ASP B 32 -20.83 6.70 9.87
CA ASP B 32 -21.02 6.38 11.28
C ASP B 32 -20.42 7.47 12.17
N LYS B 33 -19.35 8.10 11.70
CA LYS B 33 -18.65 9.09 12.51
C LYS B 33 -19.21 10.49 12.28
N GLU B 34 -19.43 10.86 11.00
CA GLU B 34 -19.69 12.24 10.66
C GLU B 34 -21.12 12.45 10.17
N GLY B 35 -21.78 11.35 9.78
CA GLY B 35 -23.18 11.40 9.39
C GLY B 35 -23.35 11.73 7.91
N ILE B 36 -22.26 11.67 7.15
CA ILE B 36 -22.30 11.87 5.71
C ILE B 36 -22.86 10.59 5.08
N PRO B 37 -24.05 10.65 4.42
CA PRO B 37 -24.58 9.51 3.70
C PRO B 37 -23.57 9.03 2.66
N PRO B 38 -23.33 7.69 2.56
CA PRO B 38 -22.26 7.15 1.71
C PRO B 38 -22.36 7.52 0.23
N ASP B 39 -23.58 7.88 -0.22
CA ASP B 39 -23.85 8.19 -1.61
C ASP B 39 -23.24 9.54 -1.97
N GLN B 40 -23.01 10.38 -0.96
CA GLN B 40 -22.47 11.72 -1.15
C GLN B 40 -20.94 11.68 -1.12
N GLN B 41 -20.39 10.57 -0.61
CA GLN B 41 -18.96 10.44 -0.39
C GLN B 41 -18.28 9.91 -1.66
N ARG B 42 -17.20 10.58 -2.05
CA ARG B 42 -16.23 10.03 -2.99
C ARG B 42 -14.87 10.00 -2.32
N LEU B 43 -14.29 8.79 -2.25
CA LEU B 43 -13.00 8.63 -1.62
C LEU B 43 -11.91 8.62 -2.70
N ILE B 44 -10.84 9.37 -2.42
CA ILE B 44 -9.74 9.52 -3.33
C ILE B 44 -8.46 9.14 -2.59
N PHE B 45 -7.68 8.26 -3.22
CA PHE B 45 -6.33 7.98 -2.75
C PHE B 45 -5.35 8.30 -3.88
N ALA B 46 -4.37 9.15 -3.55
CA ALA B 46 -3.31 9.56 -4.47
C ALA B 46 -3.89 9.94 -5.82
N GLY B 47 -5.04 10.63 -5.82
CA GLY B 47 -5.61 11.15 -7.04
C GLY B 47 -6.57 10.19 -7.73
N LYS B 48 -6.51 8.90 -7.36
CA LYS B 48 -7.41 7.92 -7.94
C LYS B 48 -8.68 7.81 -7.09
N GLN B 49 -9.83 7.86 -7.77
CA GLN B 49 -11.12 7.68 -7.13
C GLN B 49 -11.30 6.19 -6.81
N LEU B 50 -11.56 5.90 -5.54
CA LEU B 50 -11.68 4.54 -5.06
C LEU B 50 -13.10 4.02 -5.35
N GLU B 51 -13.17 2.78 -5.83
CA GLU B 51 -14.40 2.16 -6.27
C GLU B 51 -14.99 1.32 -5.15
N ASP B 52 -16.32 1.35 -5.02
CA ASP B 52 -17.04 0.77 -3.89
C ASP B 52 -16.76 -0.73 -3.76
N GLY B 53 -16.43 -1.37 -4.88
CA GLY B 53 -16.25 -2.83 -4.90
C GLY B 53 -14.91 -3.26 -4.32
N ARG B 54 -13.92 -2.37 -4.43
CA ARG B 54 -12.54 -2.69 -4.09
C ARG B 54 -12.33 -2.57 -2.59
N THR B 55 -11.17 -3.05 -2.13
CA THR B 55 -10.77 -2.99 -0.73
C THR B 55 -9.58 -2.06 -0.59
N LEU B 56 -9.23 -1.71 0.66
CA LEU B 56 -8.09 -0.85 0.91
C LEU B 56 -6.80 -1.53 0.42
N SER B 57 -6.72 -2.85 0.63
CA SER B 57 -5.58 -3.65 0.21
C SER B 57 -5.47 -3.67 -1.31
N ASP B 58 -6.63 -3.48 -1.98
CA ASP B 58 -6.68 -3.38 -3.44
C ASP B 58 -5.85 -2.18 -3.90
N TYR B 59 -5.73 -1.17 -3.04
CA TYR B 59 -5.03 0.06 -3.37
C TYR B 59 -3.74 0.18 -2.57
N ASN B 60 -3.42 -0.88 -1.82
CA ASN B 60 -2.18 -0.95 -1.03
C ASN B 60 -2.16 0.15 0.02
N ILE B 61 -3.34 0.59 0.46
CA ILE B 61 -3.47 1.64 1.46
C ILE B 61 -2.99 1.10 2.80
N GLN B 62 -1.88 1.69 3.28
CA GLN B 62 -1.15 1.19 4.43
C GLN B 62 -1.79 1.70 5.72
N LYS B 63 -1.35 1.13 6.85
CA LYS B 63 -1.65 1.68 8.16
C LYS B 63 -1.28 3.16 8.18
N GLU B 64 -2.17 3.98 8.77
CA GLU B 64 -1.92 5.39 9.05
C GLU B 64 -1.94 6.23 7.77
N THR B 66 -3.83 8.02 4.35
CA THR B 66 -4.94 8.98 4.31
C THR B 66 -5.72 8.82 3.01
N LEU B 67 -7.04 8.72 3.16
CA LEU B 67 -7.98 8.83 2.05
C LEU B 67 -8.49 10.27 2.01
N HIS B 68 -8.73 10.77 0.79
CA HIS B 68 -9.32 12.09 0.63
C HIS B 68 -10.80 11.96 0.32
N LEU B 69 -11.60 12.72 1.09
CA LEU B 69 -13.04 12.71 0.96
C LEU B 69 -13.50 14.02 0.34
N VAL B 70 -14.23 13.90 -0.78
CA VAL B 70 -14.89 15.02 -1.43
C VAL B 70 -16.37 14.69 -1.50
N LEU B 71 -17.22 15.71 -1.70
CA LEU B 71 -18.65 15.51 -1.52
C LEU B 71 -19.37 15.68 -2.85
N ARG B 72 -20.23 14.69 -3.14
CA ARG B 72 -21.14 14.72 -4.27
C ARG B 72 -22.41 15.47 -3.86
N LEU B 73 -22.55 16.69 -4.37
CA LEU B 73 -23.69 17.54 -4.04
C LEU B 73 -24.84 17.24 -4.99
N ARG B 74 -26.02 16.99 -4.41
CA ARG B 74 -27.17 16.49 -5.13
C ARG B 74 -28.25 17.57 -5.20
N GLY B 75 -28.23 18.49 -4.23
CA GLY B 75 -29.26 19.49 -4.04
C GLY B 75 -29.46 20.37 -5.27
N MET C 1 21.12 -17.19 17.06
CA MET C 1 20.08 -16.19 16.69
C MET C 1 18.73 -16.62 17.25
N ILE C 2 17.75 -15.70 17.17
CA ILE C 2 16.40 -15.95 17.66
C ILE C 2 15.49 -16.20 16.45
N VAL C 3 14.56 -17.15 16.63
CA VAL C 3 13.46 -17.36 15.70
C VAL C 3 12.16 -17.24 16.49
N PHE C 4 11.19 -16.52 15.91
CA PHE C 4 9.87 -16.43 16.51
C PHE C 4 9.02 -17.60 16.03
N VAL C 5 8.29 -18.20 16.97
CA VAL C 5 7.45 -19.35 16.68
C VAL C 5 6.01 -19.00 17.00
N ARG C 6 5.18 -18.95 15.95
CA ARG C 6 3.75 -18.80 16.11
C ARG C 6 3.11 -20.19 16.05
N PHE C 7 2.66 -20.66 17.22
CA PHE C 7 2.16 -22.01 17.37
C PHE C 7 0.64 -22.01 17.32
N ASN C 8 0.10 -22.30 16.12
CA ASN C 8 -1.33 -22.37 15.87
C ASN C 8 -1.97 -21.01 16.16
N SER C 9 -1.41 -19.97 15.53
CA SER C 9 -1.90 -18.60 15.62
C SER C 9 -1.72 -18.03 17.03
N SER C 10 -0.85 -18.66 17.82
CA SER C 10 -0.53 -18.16 19.16
C SER C 10 0.52 -17.07 19.05
N HIS C 11 0.60 -16.24 20.09
CA HIS C 11 1.54 -15.13 20.15
C HIS C 11 2.97 -15.65 20.03
N GLY C 12 3.70 -15.06 19.07
CA GLY C 12 5.06 -15.48 18.73
C GLY C 12 6.02 -15.34 19.90
N PHE C 13 6.43 -16.48 20.45
CA PHE C 13 7.45 -16.55 21.49
C PHE C 13 8.80 -16.82 20.82
N PRO C 14 9.94 -16.35 21.41
CA PRO C 14 11.25 -16.53 20.80
C PRO C 14 11.84 -17.90 21.09
N VAL C 15 12.60 -18.43 20.11
CA VAL C 15 13.39 -19.63 20.31
C VAL C 15 14.81 -19.34 19.83
N GLU C 16 15.76 -19.36 20.77
CA GLU C 16 17.16 -19.23 20.41
C GLU C 16 17.62 -20.51 19.72
N VAL C 17 18.14 -20.34 18.51
CA VAL C 17 18.68 -21.44 17.72
C VAL C 17 20.12 -21.10 17.34
N ASP C 18 20.76 -22.03 16.64
CA ASP C 18 22.05 -21.76 16.04
C ASP C 18 21.90 -21.80 14.51
N SER C 19 22.89 -21.26 13.82
CA SER C 19 22.98 -21.24 12.37
C SER C 19 22.81 -22.66 11.81
N ASP C 20 23.23 -23.65 12.60
CA ASP C 20 23.28 -25.03 12.12
C ASP C 20 22.21 -25.88 12.81
N THR C 21 21.33 -25.25 13.59
CA THR C 21 20.22 -25.96 14.22
C THR C 21 19.29 -26.51 13.14
N SER C 22 18.93 -27.78 13.27
CA SER C 22 18.00 -28.43 12.35
C SER C 22 16.57 -28.00 12.68
N ILE C 23 15.68 -28.14 11.70
CA ILE C 23 14.27 -27.81 11.87
C ILE C 23 13.66 -28.76 12.90
N PHE C 24 14.11 -30.02 12.92
CA PHE C 24 13.58 -31.02 13.85
C PHE C 24 13.94 -30.64 15.28
N GLN C 25 15.16 -30.13 15.49
CA GLN C 25 15.60 -29.66 16.79
C GLN C 25 14.66 -28.57 17.28
N LEU C 26 14.34 -27.63 16.37
CA LEU C 26 13.43 -26.53 16.63
C LEU C 26 12.04 -27.09 16.94
N LYS C 27 11.66 -28.14 16.21
CA LYS C 27 10.38 -28.83 16.43
C LYS C 27 10.35 -29.42 17.83
N GLU C 28 11.51 -29.92 18.29
CA GLU C 28 11.63 -30.57 19.59
C GLU C 28 11.37 -29.56 20.71
N VAL C 29 12.13 -28.45 20.71
CA VAL C 29 12.06 -27.47 21.78
C VAL C 29 10.65 -26.91 21.87
N VAL C 30 10.03 -26.67 20.71
CA VAL C 30 8.66 -26.18 20.61
C VAL C 30 7.72 -27.24 21.21
N ALA C 31 7.97 -28.51 20.87
CA ALA C 31 7.16 -29.63 21.33
C ALA C 31 7.25 -29.76 22.85
N LYS C 32 8.44 -29.47 23.40
CA LYS C 32 8.67 -29.52 24.84
C LYS C 32 7.93 -28.37 25.52
N ARG C 33 7.87 -27.23 24.84
CA ARG C 33 7.23 -26.04 25.37
C ARG C 33 5.71 -26.18 25.30
N GLN C 34 5.22 -26.79 24.22
CA GLN C 34 3.80 -26.86 23.95
C GLN C 34 3.20 -28.17 24.49
N GLY C 35 4.09 -29.08 24.91
CA GLY C 35 3.68 -30.34 25.51
C GLY C 35 3.12 -31.33 24.50
N VAL C 36 3.45 -31.12 23.22
CA VAL C 36 2.95 -31.94 22.13
C VAL C 36 4.10 -32.78 21.58
N PRO C 37 3.83 -33.86 20.82
CA PRO C 37 4.89 -34.62 20.14
C PRO C 37 5.48 -33.82 18.99
N ALA C 38 6.78 -34.02 18.74
CA ALA C 38 7.52 -33.24 17.77
C ALA C 38 7.26 -33.74 16.35
N ASP C 39 6.60 -34.89 16.23
CA ASP C 39 6.37 -35.52 14.95
CA ASP C 39 6.37 -35.52 14.95
C ASP C 39 5.10 -34.95 14.31
N GLN C 40 4.21 -34.40 15.15
CA GLN C 40 2.94 -33.87 14.68
C GLN C 40 3.06 -32.39 14.34
N LEU C 41 4.30 -31.90 14.31
CA LEU C 41 4.57 -30.48 14.10
C LEU C 41 5.11 -30.24 12.69
N ARG C 42 4.58 -29.20 12.04
CA ARG C 42 5.06 -28.73 10.75
C ARG C 42 5.49 -27.27 10.89
N VAL C 43 6.56 -26.92 10.17
CA VAL C 43 7.17 -25.59 10.26
C VAL C 43 6.95 -24.86 8.94
N ILE C 44 6.10 -23.84 8.96
CA ILE C 44 5.77 -23.05 7.78
C ILE C 44 6.56 -21.74 7.83
N PHE C 45 7.29 -21.47 6.75
CA PHE C 45 8.04 -20.23 6.61
C PHE C 45 8.20 -19.85 5.14
N ALA C 46 7.85 -18.60 4.82
CA ALA C 46 8.00 -18.01 3.50
C ALA C 46 7.32 -18.89 2.44
N GLY C 47 6.11 -19.34 2.75
CA GLY C 47 5.26 -20.06 1.82
C GLY C 47 5.74 -21.47 1.52
N LYS C 48 6.56 -22.02 2.42
CA LYS C 48 7.12 -23.35 2.24
C LYS C 48 7.26 -24.03 3.60
N GLU C 49 6.87 -25.31 3.66
CA GLU C 49 7.12 -26.14 4.84
C GLU C 49 8.62 -26.45 4.90
N LEU C 50 9.18 -26.32 6.10
CA LEU C 50 10.59 -26.59 6.31
C LEU C 50 10.78 -28.03 6.76
N ARG C 51 11.68 -28.74 6.04
CA ARG C 51 11.94 -30.15 6.25
C ARG C 51 12.88 -30.32 7.44
N ASN C 52 12.73 -31.44 8.16
CA ASN C 52 13.33 -31.69 9.45
C ASN C 52 14.86 -31.60 9.38
N ASP C 53 15.42 -31.94 8.22
CA ASP C 53 16.85 -32.10 8.04
C ASP C 53 17.50 -30.76 7.68
N TRP C 54 16.69 -29.76 7.31
CA TRP C 54 17.19 -28.45 6.92
C TRP C 54 17.67 -27.69 8.16
N THR C 55 18.78 -26.96 7.98
CA THR C 55 19.31 -26.11 9.04
C THR C 55 18.68 -24.72 8.94
N VAL C 56 18.79 -23.96 10.04
CA VAL C 56 18.17 -22.64 10.16
C VAL C 56 18.67 -21.73 9.04
N GLN C 57 19.98 -21.74 8.82
CA GLN C 57 20.62 -20.88 7.83
C GLN C 57 20.27 -21.35 6.42
N ASN C 58 20.05 -22.66 6.26
CA ASN C 58 19.69 -23.25 4.98
C ASN C 58 18.35 -22.67 4.52
N CYS C 59 17.44 -22.44 5.49
CA CYS C 59 16.07 -22.06 5.20
C CYS C 59 15.98 -20.55 4.95
N ASP C 60 17.12 -19.87 5.01
CA ASP C 60 17.22 -18.43 4.83
C ASP C 60 16.41 -17.71 5.92
N LEU C 61 16.40 -18.30 7.12
CA LEU C 61 15.77 -17.67 8.26
C LEU C 61 16.67 -16.53 8.75
N ASP C 62 16.16 -15.30 8.63
CA ASP C 62 16.86 -14.11 9.09
C ASP C 62 16.59 -13.94 10.58
N GLN C 63 17.54 -13.31 11.27
CA GLN C 63 17.44 -12.99 12.68
C GLN C 63 16.02 -12.49 12.99
N GLN C 64 15.40 -13.10 14.00
CA GLN C 64 14.14 -12.66 14.58
C GLN C 64 13.04 -12.58 13.53
N ILE C 66 9.79 -14.93 11.70
CA ILE C 66 8.72 -15.70 12.31
C ILE C 66 8.48 -16.97 11.49
N VAL C 67 8.38 -18.11 12.20
CA VAL C 67 7.97 -19.37 11.61
C VAL C 67 6.68 -19.82 12.28
N HIS C 68 5.67 -20.16 11.45
CA HIS C 68 4.43 -20.74 11.93
C HIS C 68 4.61 -22.24 12.09
N ILE C 69 4.08 -22.77 13.20
CA ILE C 69 4.08 -24.20 13.46
C ILE C 69 2.66 -24.64 13.76
N VAL C 70 2.15 -25.54 12.92
CA VAL C 70 0.80 -26.08 13.04
C VAL C 70 0.90 -27.54 13.52
N GLN C 71 -0.27 -28.17 13.70
CA GLN C 71 -0.36 -29.47 14.32
C GLN C 71 -1.03 -30.47 13.39
N ARG C 72 -0.66 -31.75 13.54
CA ARG C 72 -1.18 -32.87 12.77
C ARG C 72 -0.94 -32.63 11.27
#